data_4R9Z
#
_entry.id   4R9Z
#
_cell.length_a   57.230
_cell.length_b   70.110
_cell.length_c   137.930
_cell.angle_alpha   90.00
_cell.angle_beta   90.00
_cell.angle_gamma   90.00
#
_symmetry.space_group_name_H-M   'P 21 21 21'
#
loop_
_entity.id
_entity.type
_entity.pdbx_description
1 polymer 'Uncharacterized protein'
2 water water
#
_entity_poly.entity_id   1
_entity_poly.type   'polypeptide(L)'
_entity_poly.pdbx_seq_one_letter_code
;SNAMSSSLGDVLATLELERVGQWRFVGQQLPAPANHILGGHISAQALLAASRTAAGREPHSVHTYFLRPGDSRQPVDFEV
VDLQEGRTFSARRVTARQDDKILMEAMSSFKVVNSAAAQVVYQPIMPEAPSPESLPWVAPHLAEADEGSRGRWASLRWFE
RRTIETETVPPARVPMWWRPDGRVPDDPVLTASLVAYMSAVTLTEPAFAARGGVGASAQRDHSVWFHGRAVLSDWLFYDR
SSPSSAGSLALASGTMFNRTGELVCTVKQEMYFPPQTA
;
_entity_poly.pdbx_strand_id   A,B
#
# COMPACT_ATOMS: atom_id res chain seq x y z
N SER A 7 -20.43 -6.58 18.84
CA SER A 7 -21.57 -5.70 18.67
C SER A 7 -21.09 -4.26 18.44
N LEU A 8 -21.94 -3.46 17.80
CA LEU A 8 -21.58 -2.11 17.38
C LEU A 8 -21.26 -1.14 18.50
N GLY A 9 -22.07 -1.17 19.56
CA GLY A 9 -21.89 -0.28 20.69
C GLY A 9 -20.54 -0.42 21.36
N ASP A 10 -20.08 -1.66 21.51
CA ASP A 10 -18.78 -1.93 22.10
C ASP A 10 -17.65 -1.52 21.17
N VAL A 11 -17.91 -1.66 19.88
CA VAL A 11 -16.93 -1.27 18.88
C VAL A 11 -16.78 0.24 18.87
N LEU A 12 -17.91 0.95 18.78
CA LEU A 12 -17.89 2.40 18.74
C LEU A 12 -17.21 2.96 19.99
N ALA A 13 -17.46 2.33 21.13
CA ALA A 13 -16.86 2.78 22.39
C ALA A 13 -15.34 2.72 22.36
N THR A 14 -14.78 1.59 21.95
CA THR A 14 -13.33 1.45 21.89
C THR A 14 -12.68 2.34 20.82
N LEU A 15 -13.41 2.68 19.78
CA LEU A 15 -12.86 3.54 18.73
C LEU A 15 -12.79 4.99 19.17
N GLU A 16 -13.55 5.33 20.21
CA GLU A 16 -13.46 6.66 20.79
C GLU A 16 -12.28 6.67 21.74
N LEU A 17 -11.11 7.05 21.22
CA LEU A 17 -9.88 7.00 21.99
C LEU A 17 -9.84 8.07 23.07
N GLU A 18 -9.12 7.77 24.14
CA GLU A 18 -8.86 8.77 25.17
C GLU A 18 -7.59 9.52 24.81
N ARG A 19 -7.72 10.84 24.65
CA ARG A 19 -6.56 11.67 24.40
C ARG A 19 -5.80 11.93 25.68
N VAL A 20 -4.49 11.67 25.65
CA VAL A 20 -3.64 11.93 26.80
C VAL A 20 -2.53 12.92 26.46
N GLY A 21 -2.59 13.50 25.27
CA GLY A 21 -1.64 14.52 24.88
C GLY A 21 -2.00 15.12 23.54
N GLN A 22 -1.20 16.08 23.08
CA GLN A 22 -1.43 16.69 21.78
C GLN A 22 -1.25 15.67 20.65
N TRP A 23 -0.38 14.68 20.89
CA TRP A 23 -0.07 13.66 19.89
C TRP A 23 -0.12 12.24 20.42
N ARG A 24 -0.95 12.00 21.44
CA ARG A 24 -0.95 10.69 22.11
C ARG A 24 -2.35 10.24 22.55
N PHE A 25 -2.69 9.01 22.30
CA PHE A 25 -4.02 8.51 22.58
C PHE A 25 -3.93 7.15 23.19
N VAL A 26 -4.92 6.78 23.97
CA VAL A 26 -5.03 5.43 24.48
C VAL A 26 -6.30 4.84 23.96
N GLY A 27 -6.20 3.66 23.41
CA GLY A 27 -7.34 2.97 22.90
C GLY A 27 -7.60 1.71 23.66
N GLN A 28 -8.83 1.54 24.05
CA GLN A 28 -9.24 0.35 24.73
C GLN A 28 -9.46 -0.77 23.80
N GLN A 29 -9.13 -1.94 24.25
CA GLN A 29 -9.30 -3.14 23.44
C GLN A 29 -10.54 -3.95 23.84
N LEU A 30 -11.03 -4.77 22.92
CA LEU A 30 -12.17 -5.63 23.19
C LEU A 30 -11.73 -7.09 23.18
N PRO A 31 -12.36 -7.93 23.99
CA PRO A 31 -12.01 -9.35 24.10
C PRO A 31 -11.88 -10.00 22.73
N ALA A 32 -10.78 -10.69 22.50
CA ALA A 32 -10.50 -11.31 21.21
C ALA A 32 -9.94 -12.72 21.38
N PRO A 33 -10.04 -13.52 20.33
CA PRO A 33 -9.50 -14.88 20.38
C PRO A 33 -8.01 -14.91 20.61
N ALA A 34 -7.65 -15.71 21.59
CA ALA A 34 -6.29 -15.93 21.99
C ALA A 34 -5.72 -14.68 22.54
N ASN A 35 -6.59 -13.77 22.96
CA ASN A 35 -6.17 -12.54 23.55
C ASN A 35 -5.32 -11.78 22.58
N HIS A 36 -5.60 -11.93 21.29
CA HIS A 36 -4.84 -11.22 20.29
C HIS A 36 -5.68 -10.30 19.49
N ILE A 37 -5.16 -9.11 19.28
CA ILE A 37 -5.91 -8.02 18.69
C ILE A 37 -5.99 -8.20 17.19
N LEU A 38 -7.16 -7.92 16.62
CA LEU A 38 -7.35 -8.02 15.19
C LEU A 38 -6.79 -6.79 14.52
N GLY A 39 -6.10 -7.00 13.40
CA GLY A 39 -5.52 -5.93 12.62
C GLY A 39 -6.48 -4.79 12.35
N GLY A 40 -7.66 -5.14 11.85
CA GLY A 40 -8.67 -4.15 11.51
C GLY A 40 -9.03 -3.22 12.65
N HIS A 41 -9.05 -3.75 13.86
CA HIS A 41 -9.41 -2.97 15.04
C HIS A 41 -8.34 -1.96 15.40
N ILE A 42 -7.10 -2.43 15.45
CA ILE A 42 -6.00 -1.57 15.84
C ILE A 42 -5.67 -0.56 14.74
N SER A 43 -5.84 -0.95 13.46
CA SER A 43 -5.51 -0.02 12.38
C SER A 43 -6.58 1.06 12.25
N ALA A 44 -7.83 0.70 12.57
CA ALA A 44 -8.91 1.66 12.57
C ALA A 44 -8.73 2.66 13.72
N GLN A 45 -8.28 2.16 14.86
CA GLN A 45 -7.97 3.04 15.98
C GLN A 45 -6.85 3.99 15.62
N ALA A 46 -5.82 3.44 14.98
CA ALA A 46 -4.67 4.24 14.56
C ALA A 46 -5.05 5.30 13.54
N LEU A 47 -6.01 4.98 12.69
CA LEU A 47 -6.44 5.92 11.68
C LEU A 47 -7.19 7.06 12.34
N LEU A 48 -8.00 6.73 13.35
CA LEU A 48 -8.71 7.75 14.11
C LEU A 48 -7.77 8.62 14.90
N ALA A 49 -6.73 8.01 15.47
CA ALA A 49 -5.71 8.76 16.19
C ALA A 49 -5.10 9.82 15.29
N ALA A 50 -4.65 9.40 14.11
CA ALA A 50 -4.09 10.31 13.12
C ALA A 50 -5.07 11.41 12.74
N SER A 51 -6.31 11.00 12.44
CA SER A 51 -7.35 11.91 11.99
C SER A 51 -7.66 13.01 12.99
N ARG A 52 -7.67 12.67 14.26
CA ARG A 52 -7.96 13.65 15.31
C ARG A 52 -6.85 14.67 15.45
N THR A 53 -5.70 14.39 14.85
CA THR A 53 -4.61 15.36 14.79
C THR A 53 -4.63 16.11 13.47
N ALA A 54 -5.58 15.76 12.60
CA ALA A 54 -5.77 16.51 11.37
C ALA A 54 -7.09 17.25 11.44
N ALA A 55 -7.02 18.57 11.52
CA ALA A 55 -8.18 19.37 11.86
C ALA A 55 -9.12 19.50 10.69
N GLY A 56 -10.27 18.82 10.77
CA GLY A 56 -11.29 18.89 9.75
C GLY A 56 -10.83 18.44 8.38
N ARG A 57 -9.97 17.44 8.35
CA ARG A 57 -9.49 16.86 7.11
C ARG A 57 -9.82 15.38 7.10
N GLU A 58 -10.13 14.85 5.92
CA GLU A 58 -10.48 13.45 5.80
C GLU A 58 -9.32 12.66 5.18
N PRO A 59 -9.17 11.39 5.59
CA PRO A 59 -8.14 10.51 5.04
C PRO A 59 -8.50 10.02 3.65
N HIS A 60 -7.54 10.06 2.73
CA HIS A 60 -7.76 9.52 1.40
C HIS A 60 -6.96 8.22 1.21
N SER A 61 -6.02 7.95 2.12
CA SER A 61 -5.32 6.67 2.12
C SER A 61 -4.64 6.38 3.46
N VAL A 62 -4.31 5.11 3.67
CA VAL A 62 -3.64 4.67 4.88
C VAL A 62 -2.93 3.34 4.63
N HIS A 63 -1.70 3.24 5.14
CA HIS A 63 -0.89 2.03 5.01
C HIS A 63 -0.45 1.57 6.39
N THR A 64 -0.81 0.35 6.75
CA THR A 64 -0.52 -0.15 8.09
C THR A 64 0.29 -1.43 8.05
N TYR A 65 1.36 -1.49 8.84
CA TYR A 65 2.08 -2.74 9.04
C TYR A 65 1.73 -3.32 10.40
N PHE A 66 1.39 -4.61 10.44
CA PHE A 66 1.17 -5.29 11.71
C PHE A 66 2.40 -6.08 12.09
N LEU A 67 3.05 -5.68 13.18
CA LEU A 67 4.41 -6.12 13.48
C LEU A 67 4.49 -7.16 14.58
N ARG A 68 3.74 -6.93 15.65
CA ARG A 68 3.75 -7.84 16.79
C ARG A 68 2.32 -8.04 17.25
N PRO A 69 1.97 -9.26 17.66
CA PRO A 69 0.62 -9.50 18.18
C PRO A 69 0.43 -8.80 19.52
N GLY A 70 -0.70 -8.12 19.68
CA GLY A 70 -0.97 -7.36 20.88
C GLY A 70 -1.88 -8.11 21.83
N ASP A 71 -1.79 -7.79 23.11
CA ASP A 71 -2.64 -8.38 24.13
C ASP A 71 -3.92 -7.56 24.26
N SER A 72 -5.05 -8.16 23.87
CA SER A 72 -6.32 -7.46 23.90
C SER A 72 -6.85 -7.23 25.32
N ARG A 73 -6.13 -7.74 26.32
CA ARG A 73 -6.56 -7.53 27.71
C ARG A 73 -5.96 -6.23 28.27
N GLN A 74 -4.93 -5.72 27.62
CA GLN A 74 -4.34 -4.44 28.01
C GLN A 74 -4.55 -3.39 26.92
N PRO A 75 -4.70 -2.12 27.32
CA PRO A 75 -4.92 -1.06 26.33
C PRO A 75 -3.69 -0.79 25.48
N VAL A 76 -3.84 0.07 24.48
CA VAL A 76 -2.77 0.38 23.55
C VAL A 76 -2.46 1.86 23.50
N ASP A 77 -1.17 2.20 23.52
CA ASP A 77 -0.74 3.60 23.40
C ASP A 77 -0.46 3.97 21.94
N PHE A 78 -1.16 4.98 21.43
CA PHE A 78 -0.92 5.46 20.07
C PHE A 78 -0.19 6.80 20.08
N GLU A 79 1.00 6.82 19.48
CA GLU A 79 1.71 8.07 19.28
C GLU A 79 1.50 8.56 17.85
N VAL A 80 1.08 9.80 17.70
CA VAL A 80 0.91 10.35 16.36
C VAL A 80 2.06 11.31 16.07
N VAL A 81 2.56 11.27 14.85
CA VAL A 81 3.64 12.14 14.45
C VAL A 81 3.28 12.90 13.18
N ASP A 82 3.52 14.20 13.20
CA ASP A 82 3.22 15.09 12.08
C ASP A 82 4.30 14.95 11.01
N LEU A 83 3.98 14.22 9.95
CA LEU A 83 4.87 14.03 8.82
C LEU A 83 4.87 15.23 7.88
N GLN A 84 3.70 15.79 7.66
CA GLN A 84 3.56 17.02 6.89
C GLN A 84 2.23 17.70 7.17
N GLU A 85 2.27 19.03 7.23
CA GLU A 85 1.07 19.83 7.42
C GLU A 85 1.10 20.99 6.43
N GLY A 86 0.44 20.82 5.30
CA GLY A 86 0.46 21.81 4.24
C GLY A 86 -0.90 22.45 4.05
N ARG A 87 -0.98 23.42 3.14
CA ARG A 87 -2.25 24.06 2.83
C ARG A 87 -3.28 23.05 2.32
N THR A 88 -2.82 22.05 1.57
CA THR A 88 -3.73 21.08 0.96
C THR A 88 -3.69 19.70 1.62
N PHE A 89 -2.48 19.17 1.82
CA PHE A 89 -2.33 17.81 2.35
C PHE A 89 -1.84 17.78 3.80
N SER A 90 -2.20 16.70 4.49
CA SER A 90 -1.59 16.37 5.77
C SER A 90 -1.15 14.91 5.74
N ALA A 91 -0.08 14.57 6.46
CA ALA A 91 0.35 13.18 6.56
C ALA A 91 0.71 12.87 8.00
N ARG A 92 0.35 11.66 8.44
CA ARG A 92 0.63 11.26 9.81
C ARG A 92 1.28 9.89 9.87
N ARG A 93 2.14 9.72 10.86
CA ARG A 93 2.64 8.40 11.25
C ARG A 93 2.04 8.06 12.59
N VAL A 94 1.59 6.82 12.74
CA VAL A 94 1.06 6.39 14.02
C VAL A 94 1.77 5.13 14.49
N THR A 95 2.28 5.17 15.71
CA THR A 95 2.93 4.00 16.28
C THR A 95 2.14 3.52 17.49
N ALA A 96 1.71 2.27 17.44
CA ALA A 96 0.95 1.68 18.54
C ALA A 96 1.84 0.83 19.42
N ARG A 97 1.78 1.05 20.73
CA ARG A 97 2.63 0.33 21.66
C ARG A 97 1.89 -0.30 22.83
N GLN A 98 2.38 -1.45 23.28
CA GLN A 98 2.03 -1.99 24.58
C GLN A 98 3.29 -2.21 25.39
N ASP A 99 3.50 -1.35 26.39
CA ASP A 99 4.72 -1.33 27.20
C ASP A 99 5.99 -1.27 26.36
N ASP A 100 6.08 -0.28 25.48
CA ASP A 100 7.23 -0.10 24.58
C ASP A 100 7.39 -1.17 23.51
N LYS A 101 6.52 -2.18 23.52
CA LYS A 101 6.50 -3.16 22.44
C LYS A 101 5.75 -2.51 21.28
N ILE A 102 6.35 -2.48 20.09
CA ILE A 102 5.68 -1.91 18.92
C ILE A 102 4.81 -2.94 18.19
N LEU A 103 3.51 -2.67 18.18
CA LEU A 103 2.53 -3.61 17.63
C LEU A 103 2.27 -3.36 16.16
N MET A 104 2.06 -2.11 15.81
CA MET A 104 1.86 -1.71 14.43
C MET A 104 2.37 -0.30 14.19
N GLU A 105 2.69 -0.02 12.94
CA GLU A 105 2.93 1.35 12.54
C GLU A 105 2.12 1.65 11.30
N ALA A 106 1.63 2.87 11.20
CA ALA A 106 0.80 3.25 10.07
C ALA A 106 1.17 4.63 9.58
N MET A 107 1.04 4.84 8.27
CA MET A 107 1.11 6.15 7.69
C MET A 107 -0.22 6.44 7.03
N SER A 108 -0.65 7.70 7.08
CA SER A 108 -1.93 8.06 6.52
C SER A 108 -1.83 9.45 5.94
N SER A 109 -2.70 9.74 4.97
CA SER A 109 -2.65 11.00 4.27
C SER A 109 -4.04 11.60 4.23
N PHE A 110 -4.11 12.93 4.28
CA PHE A 110 -5.37 13.65 4.47
C PHE A 110 -5.46 14.85 3.54
N LYS A 111 -6.67 15.23 3.16
CA LYS A 111 -6.85 16.51 2.50
C LYS A 111 -8.21 17.10 2.79
N VAL A 112 -8.38 18.38 2.45
CA VAL A 112 -9.66 19.06 2.60
C VAL A 112 -10.55 18.85 1.39
N GLN A 119 -12.68 17.33 -10.54
CA GLN A 119 -13.67 17.41 -11.61
C GLN A 119 -13.37 16.38 -12.69
N VAL A 120 -12.52 15.41 -12.35
CA VAL A 120 -12.36 14.21 -13.16
C VAL A 120 -12.57 13.01 -12.27
N VAL A 121 -13.66 12.29 -12.50
CA VAL A 121 -14.01 11.17 -11.63
C VAL A 121 -14.28 9.93 -12.48
N TYR A 122 -13.68 8.81 -12.09
CA TYR A 122 -13.99 7.54 -12.72
C TYR A 122 -13.70 6.40 -11.76
N GLN A 123 -14.33 5.27 -11.99
CA GLN A 123 -14.20 4.11 -11.11
C GLN A 123 -14.50 2.83 -11.86
N PRO A 124 -14.07 1.69 -11.31
CA PRO A 124 -14.58 0.44 -11.87
C PRO A 124 -16.09 0.35 -11.65
N ILE A 125 -16.78 -0.32 -12.55
CA ILE A 125 -18.21 -0.50 -12.43
C ILE A 125 -18.46 -1.58 -11.38
N MET A 126 -19.43 -1.34 -10.50
CA MET A 126 -19.77 -2.30 -9.47
C MET A 126 -20.36 -3.57 -10.09
N PRO A 127 -19.81 -4.73 -9.71
CA PRO A 127 -20.27 -6.02 -10.24
C PRO A 127 -21.74 -6.30 -9.96
N GLU A 128 -22.40 -6.90 -10.95
CA GLU A 128 -23.78 -7.32 -10.82
C GLU A 128 -23.89 -8.35 -9.71
N ALA A 129 -24.89 -8.20 -8.85
CA ALA A 129 -25.09 -9.16 -7.78
C ALA A 129 -26.55 -9.23 -7.37
N PRO A 130 -26.96 -10.38 -6.82
CA PRO A 130 -28.30 -10.49 -6.25
C PRO A 130 -28.45 -9.53 -5.09
N SER A 131 -29.62 -8.93 -4.93
CA SER A 131 -29.85 -8.02 -3.82
C SER A 131 -29.59 -8.74 -2.52
N PRO A 132 -29.11 -8.02 -1.49
CA PRO A 132 -28.84 -8.69 -0.21
C PRO A 132 -30.11 -9.26 0.41
N GLU A 133 -31.23 -8.58 0.15
CA GLU A 133 -32.54 -9.08 0.58
C GLU A 133 -32.88 -10.44 -0.05
N SER A 134 -32.55 -10.61 -1.32
CA SER A 134 -32.87 -11.86 -2.01
C SER A 134 -31.98 -13.02 -1.56
N LEU A 135 -31.12 -12.77 -0.57
CA LEU A 135 -30.22 -13.78 -0.04
C LEU A 135 -30.56 -14.16 1.40
N ALA A 154 -15.40 -10.83 18.14
CA ALA A 154 -16.69 -10.17 18.15
C ALA A 154 -16.61 -8.79 18.83
N SER A 155 -16.23 -7.71 18.13
CA SER A 155 -16.00 -7.62 16.69
C SER A 155 -14.86 -8.48 16.21
N LEU A 156 -15.04 -9.19 15.10
CA LEU A 156 -16.05 -8.89 14.06
C LEU A 156 -17.47 -9.44 14.26
N ARG A 157 -18.38 -8.56 14.67
CA ARG A 157 -19.75 -8.94 15.00
C ARG A 157 -20.64 -7.69 14.94
N TRP A 158 -20.01 -6.56 14.63
CA TRP A 158 -20.72 -5.28 14.61
C TRP A 158 -21.42 -5.06 13.28
N PHE A 159 -21.27 -6.00 12.36
CA PHE A 159 -21.87 -5.84 11.04
C PHE A 159 -22.59 -7.10 10.55
N GLU A 160 -23.64 -6.89 9.76
CA GLU A 160 -24.33 -7.98 9.08
C GLU A 160 -23.62 -8.26 7.76
N ARG A 161 -23.86 -9.43 7.19
CA ARG A 161 -23.18 -9.81 5.96
C ARG A 161 -23.96 -10.81 5.13
N ARG A 162 -23.90 -10.64 3.81
CA ARG A 162 -24.49 -11.57 2.86
C ARG A 162 -23.45 -12.04 1.86
N THR A 163 -23.13 -13.32 1.92
CA THR A 163 -22.14 -13.93 1.03
C THR A 163 -22.73 -14.34 -0.33
N ILE A 164 -22.23 -13.70 -1.39
CA ILE A 164 -22.77 -13.84 -2.74
C ILE A 164 -22.39 -15.16 -3.43
N GLU A 165 -21.11 -15.47 -3.44
CA GLU A 165 -20.63 -16.68 -4.12
C GLU A 165 -19.32 -17.14 -3.51
N THR A 166 -19.00 -18.41 -3.64
CA THR A 166 -17.78 -18.94 -3.07
C THR A 166 -17.05 -19.85 -4.05
N GLU A 167 -15.75 -19.63 -4.21
CA GLU A 167 -14.86 -20.56 -4.90
C GLU A 167 -13.55 -20.62 -4.13
N THR A 168 -12.85 -21.75 -4.21
CA THR A 168 -11.59 -21.88 -3.48
C THR A 168 -10.35 -21.82 -4.40
N VAL A 169 -10.56 -22.00 -5.71
CA VAL A 169 -9.44 -21.93 -6.64
C VAL A 169 -9.11 -20.48 -7.01
N PRO A 170 -7.82 -20.11 -6.94
CA PRO A 170 -7.35 -18.74 -7.20
C PRO A 170 -7.85 -18.19 -8.55
N PRO A 171 -8.17 -16.89 -8.61
CA PRO A 171 -8.01 -15.86 -7.58
C PRO A 171 -8.99 -15.98 -6.41
N ALA A 172 -9.90 -16.94 -6.47
CA ALA A 172 -10.85 -17.19 -5.37
C ALA A 172 -11.69 -15.96 -5.02
N ARG A 173 -12.31 -15.36 -6.04
CA ARG A 173 -13.21 -14.23 -5.84
C ARG A 173 -14.40 -14.60 -4.96
N VAL A 174 -14.53 -13.90 -3.82
CA VAL A 174 -15.65 -14.12 -2.89
C VAL A 174 -16.31 -12.81 -2.45
N PRO A 175 -17.11 -12.21 -3.34
CA PRO A 175 -17.76 -10.92 -3.04
C PRO A 175 -18.87 -11.06 -2.00
N MET A 176 -19.10 -10.00 -1.24
CA MET A 176 -20.08 -10.04 -0.17
C MET A 176 -20.83 -8.71 -0.02
N TRP A 177 -22.03 -8.78 0.54
CA TRP A 177 -22.74 -7.59 0.99
C TRP A 177 -22.51 -7.42 2.48
N TRP A 178 -22.34 -6.18 2.93
CA TRP A 178 -22.24 -5.93 4.36
C TRP A 178 -22.87 -4.60 4.73
N ARG A 179 -23.37 -4.52 5.95
CA ARG A 179 -23.81 -3.26 6.52
C ARG A 179 -23.61 -3.34 8.02
N PRO A 180 -23.51 -2.18 8.70
CA PRO A 180 -23.36 -2.25 10.15
C PRO A 180 -24.63 -2.76 10.82
N ASP A 181 -24.48 -3.49 11.91
CA ASP A 181 -25.64 -3.98 12.66
C ASP A 181 -26.01 -2.92 13.69
N GLY A 182 -26.60 -1.85 13.22
CA GLY A 182 -26.83 -0.70 14.05
C GLY A 182 -26.51 0.56 13.30
N ARG A 183 -27.01 1.68 13.77
CA ARG A 183 -26.87 2.90 13.08
C ARG A 183 -25.67 3.62 13.56
N VAL A 184 -24.88 4.06 12.61
CA VAL A 184 -23.62 4.71 12.86
C VAL A 184 -23.78 6.22 12.95
N PRO A 185 -22.92 6.82 13.88
CA PRO A 185 -23.12 8.26 14.03
C PRO A 185 -22.93 9.21 12.89
N ASP A 186 -22.46 8.85 11.70
CA ASP A 186 -22.48 9.83 10.61
C ASP A 186 -21.43 10.91 10.70
N ASP A 187 -20.31 10.54 11.27
CA ASP A 187 -19.10 11.28 11.21
C ASP A 187 -18.37 10.65 10.06
N PRO A 188 -18.08 11.43 9.05
CA PRO A 188 -17.29 11.08 7.86
C PRO A 188 -15.97 10.38 8.23
N VAL A 189 -15.27 10.90 9.22
CA VAL A 189 -14.01 10.31 9.65
C VAL A 189 -14.22 8.96 10.35
N LEU A 190 -15.21 8.90 11.24
CA LEU A 190 -15.54 7.66 11.93
C LEU A 190 -15.94 6.59 10.92
N THR A 191 -16.70 7.02 9.91
CA THR A 191 -17.16 6.15 8.84
C THR A 191 -16.00 5.51 8.07
N ALA A 192 -14.98 6.31 7.77
CA ALA A 192 -13.83 5.82 7.04
C ALA A 192 -13.07 4.76 7.84
N SER A 193 -12.93 5.01 9.14
CA SER A 193 -12.21 4.07 9.99
C SER A 193 -12.97 2.77 10.13
N LEU A 194 -14.30 2.84 10.04
CA LEU A 194 -15.14 1.66 10.12
C LEU A 194 -15.07 0.86 8.83
N VAL A 195 -14.95 1.58 7.72
CA VAL A 195 -14.68 0.98 6.42
C VAL A 195 -13.36 0.22 6.44
N ALA A 196 -12.29 0.90 6.84
CA ALA A 196 -10.98 0.27 6.96
C ALA A 196 -11.04 -0.92 7.91
N TYR A 197 -11.70 -0.72 9.04
CA TYR A 197 -11.91 -1.76 10.06
C TYR A 197 -12.47 -3.04 9.45
N MET A 198 -13.59 -2.90 8.75
CA MET A 198 -14.26 -4.05 8.17
C MET A 198 -13.49 -4.62 6.96
N SER A 199 -12.91 -3.75 6.15
CA SER A 199 -12.15 -4.17 4.96
C SER A 199 -10.96 -5.05 5.33
N ALA A 200 -10.41 -4.84 6.52
CA ALA A 200 -9.25 -5.61 6.95
C ALA A 200 -9.66 -6.97 7.49
N VAL A 201 -10.63 -7.00 8.38
CA VAL A 201 -11.01 -8.24 9.06
C VAL A 201 -11.72 -9.23 8.13
N THR A 202 -12.24 -8.75 7.01
CA THR A 202 -12.93 -9.64 6.09
C THR A 202 -12.07 -10.11 4.91
N LEU A 203 -10.86 -9.58 4.79
CA LEU A 203 -10.04 -9.87 3.60
C LEU A 203 -9.13 -11.10 3.73
N THR A 204 -9.06 -11.67 4.91
CA THR A 204 -8.34 -12.93 5.11
C THR A 204 -8.92 -14.09 4.31
N GLU A 205 -10.24 -14.16 4.27
CA GLU A 205 -10.97 -15.29 3.71
C GLU A 205 -10.65 -15.75 2.27
N PRO A 206 -10.39 -14.82 1.37
CA PRO A 206 -10.03 -15.19 0.00
C PRO A 206 -8.74 -16.00 -0.03
N ALA A 207 -7.80 -15.60 0.82
CA ALA A 207 -6.46 -16.17 0.85
C ALA A 207 -6.52 -17.53 1.54
N PHE A 208 -7.26 -17.57 2.63
CA PHE A 208 -7.52 -18.79 3.41
C PHE A 208 -8.24 -19.82 2.56
N ALA A 209 -9.23 -19.37 1.79
CA ALA A 209 -9.94 -20.25 0.88
C ALA A 209 -9.01 -20.80 -0.18
N ALA A 210 -8.25 -19.92 -0.82
CA ALA A 210 -7.32 -20.29 -1.89
C ALA A 210 -6.31 -21.35 -1.43
N ARG A 211 -6.02 -21.35 -0.15
CA ARG A 211 -5.09 -22.32 0.43
C ARG A 211 -5.79 -23.67 0.69
N GLY A 212 -7.11 -23.66 0.68
CA GLY A 212 -7.88 -24.86 0.99
C GLY A 212 -8.46 -24.85 2.38
N GLY A 213 -8.19 -23.78 3.12
CA GLY A 213 -8.81 -23.58 4.41
C GLY A 213 -8.14 -24.36 5.50
N VAL A 214 -6.80 -24.41 5.46
CA VAL A 214 -6.04 -25.17 6.43
C VAL A 214 -5.09 -24.27 7.22
N GLY A 215 -4.43 -23.35 6.52
CA GLY A 215 -3.38 -22.54 7.13
C GLY A 215 -3.82 -21.49 8.14
N ALA A 216 -3.21 -21.53 9.32
CA ALA A 216 -3.40 -20.50 10.33
C ALA A 216 -2.66 -19.25 9.85
N SER A 217 -3.22 -18.06 10.09
CA SER A 217 -2.65 -16.85 9.48
C SER A 217 -2.49 -15.64 10.39
N ALA A 218 -1.65 -14.73 9.98
CA ALA A 218 -1.52 -13.43 10.59
C ALA A 218 -1.46 -12.39 9.53
N GLN A 219 -2.02 -11.23 9.77
CA GLN A 219 -1.95 -10.14 8.81
C GLN A 219 -0.63 -9.46 8.93
N ARG A 220 -0.01 -9.11 7.84
CA ARG A 220 1.21 -8.34 7.87
C ARG A 220 1.05 -6.86 7.53
N ASP A 221 0.33 -6.56 6.50
CA ASP A 221 0.04 -5.15 6.26
C ASP A 221 -1.34 -4.95 5.64
N HIS A 222 -1.84 -3.73 5.75
CA HIS A 222 -3.14 -3.38 5.22
C HIS A 222 -3.06 -2.01 4.56
N SER A 223 -3.64 -1.88 3.37
CA SER A 223 -3.59 -0.62 2.64
C SER A 223 -4.96 -0.26 2.07
N VAL A 224 -5.36 0.98 2.31
CA VAL A 224 -6.66 1.45 1.87
C VAL A 224 -6.52 2.75 1.11
N TRP A 225 -7.15 2.83 -0.04
CA TRP A 225 -7.26 4.11 -0.73
C TRP A 225 -8.73 4.48 -0.82
N PHE A 226 -9.08 5.63 -0.25
CA PHE A 226 -10.48 6.05 -0.22
C PHE A 226 -10.86 6.77 -1.51
N HIS A 227 -12.09 6.54 -1.95
CA HIS A 227 -12.60 7.15 -3.17
C HIS A 227 -13.78 8.05 -2.81
N GLY A 228 -14.99 7.52 -2.90
CA GLY A 228 -16.19 8.23 -2.49
C GLY A 228 -16.52 7.97 -1.03
N ARG A 229 -17.39 8.80 -0.46
CA ARG A 229 -17.71 8.68 0.96
C ARG A 229 -18.68 7.53 1.19
N ALA A 230 -18.38 6.71 2.19
CA ALA A 230 -19.18 5.51 2.44
C ALA A 230 -20.54 5.86 3.03
N VAL A 231 -21.55 5.14 2.58
CA VAL A 231 -22.89 5.27 3.10
C VAL A 231 -23.21 4.01 3.90
N LEU A 232 -23.10 4.12 5.22
CA LEU A 232 -23.30 2.97 6.09
C LEU A 232 -24.75 2.82 6.52
N SER A 233 -25.65 3.57 5.89
CA SER A 233 -27.07 3.48 6.23
C SER A 233 -27.76 2.51 5.29
N ASP A 234 -26.96 1.81 4.49
CA ASP A 234 -27.45 0.80 3.55
C ASP A 234 -26.33 -0.21 3.31
N TRP A 235 -26.62 -1.26 2.55
CA TRP A 235 -25.63 -2.30 2.33
C TRP A 235 -24.49 -1.79 1.46
N LEU A 236 -23.34 -2.42 1.62
CA LEU A 236 -22.16 -2.09 0.83
C LEU A 236 -21.63 -3.34 0.14
N PHE A 237 -21.19 -3.17 -1.10
CA PHE A 237 -20.62 -4.27 -1.88
C PHE A 237 -19.11 -4.36 -1.67
N TYR A 238 -18.63 -5.49 -1.17
CA TYR A 238 -17.19 -5.67 -1.00
C TYR A 238 -16.68 -6.83 -1.83
N ASP A 239 -16.11 -6.50 -2.98
CA ASP A 239 -15.48 -7.49 -3.85
C ASP A 239 -14.12 -7.89 -3.28
N ARG A 240 -13.91 -9.20 -3.12
CA ARG A 240 -12.68 -9.71 -2.53
C ARG A 240 -12.04 -10.81 -3.37
N SER A 241 -10.71 -10.84 -3.40
CA SER A 241 -9.99 -11.90 -4.10
C SER A 241 -8.59 -12.07 -3.53
N SER A 242 -7.94 -13.15 -3.94
CA SER A 242 -6.53 -13.36 -3.61
C SER A 242 -5.73 -13.64 -4.88
N PRO A 243 -5.19 -12.58 -5.49
CA PRO A 243 -4.48 -12.65 -6.77
C PRO A 243 -3.22 -13.51 -6.74
N SER A 244 -2.50 -13.49 -5.63
CA SER A 244 -1.19 -14.13 -5.58
C SER A 244 -0.79 -14.60 -4.18
N SER A 245 0.08 -15.61 -4.15
CA SER A 245 0.70 -16.08 -2.93
C SER A 245 2.13 -16.49 -3.24
N ALA A 246 3.10 -15.85 -2.59
CA ALA A 246 4.51 -16.19 -2.82
C ALA A 246 5.02 -17.03 -1.67
N GLY A 247 4.45 -18.22 -1.51
CA GLY A 247 4.83 -19.07 -0.41
C GLY A 247 4.01 -18.73 0.82
N SER A 248 4.70 -18.24 1.85
CA SER A 248 4.06 -17.93 3.12
C SER A 248 3.31 -16.60 3.09
N LEU A 249 3.61 -15.77 2.09
CA LEU A 249 2.99 -14.46 1.95
C LEU A 249 1.94 -14.43 0.84
N ALA A 250 0.69 -14.20 1.21
CA ALA A 250 -0.38 -14.12 0.23
C ALA A 250 -0.91 -12.70 0.14
N LEU A 251 -1.23 -12.29 -1.08
CA LEU A 251 -1.87 -11.00 -1.30
C LEU A 251 -3.38 -11.16 -1.36
N ALA A 252 -4.09 -10.19 -0.79
CA ALA A 252 -5.54 -10.16 -0.94
C ALA A 252 -5.92 -8.79 -1.46
N SER A 253 -6.97 -8.75 -2.28
CA SER A 253 -7.35 -7.53 -2.97
C SER A 253 -8.84 -7.27 -2.80
N GLY A 254 -9.21 -6.01 -2.65
CA GLY A 254 -10.58 -5.66 -2.38
C GLY A 254 -11.03 -4.32 -2.92
N THR A 255 -12.28 -4.27 -3.36
CA THR A 255 -12.91 -3.03 -3.80
C THR A 255 -14.29 -2.94 -3.16
N MET A 256 -14.56 -1.83 -2.49
CA MET A 256 -15.82 -1.67 -1.79
C MET A 256 -16.69 -0.61 -2.44
N PHE A 257 -17.99 -0.90 -2.52
CA PHE A 257 -18.95 0.00 -3.14
C PHE A 257 -20.14 0.30 -2.23
N ASN A 258 -20.69 1.49 -2.34
CA ASN A 258 -22.03 1.76 -1.81
C ASN A 258 -23.05 1.05 -2.69
N ARG A 259 -24.23 0.78 -2.14
CA ARG A 259 -25.29 0.13 -2.90
C ARG A 259 -25.62 0.88 -4.19
N THR A 260 -25.36 2.19 -4.20
CA THR A 260 -25.56 3.01 -5.39
C THR A 260 -24.57 2.67 -6.51
N GLY A 261 -23.49 1.98 -6.15
CA GLY A 261 -22.48 1.59 -7.13
C GLY A 261 -21.31 2.55 -7.15
N GLU A 262 -21.32 3.53 -6.25
CA GLU A 262 -20.17 4.42 -6.10
C GLU A 262 -19.06 3.70 -5.35
N LEU A 263 -17.85 3.82 -5.86
CA LEU A 263 -16.69 3.20 -5.23
C LEU A 263 -16.39 3.94 -3.93
N VAL A 264 -16.17 3.18 -2.86
CA VAL A 264 -15.86 3.79 -1.58
C VAL A 264 -14.37 3.69 -1.31
N CYS A 265 -13.81 2.51 -1.49
CA CYS A 265 -12.37 2.33 -1.30
C CYS A 265 -11.81 1.16 -2.05
N THR A 266 -10.52 1.24 -2.33
CA THR A 266 -9.74 0.13 -2.86
C THR A 266 -8.82 -0.37 -1.76
N VAL A 267 -8.61 -1.68 -1.70
CA VAL A 267 -7.91 -2.27 -0.57
C VAL A 267 -6.92 -3.34 -1.02
N LYS A 268 -5.77 -3.38 -0.36
CA LYS A 268 -4.82 -4.46 -0.57
C LYS A 268 -4.29 -4.92 0.78
N GLN A 269 -4.08 -6.21 0.92
CA GLN A 269 -3.63 -6.79 2.17
C GLN A 269 -2.64 -7.92 1.96
N GLU A 270 -1.59 -7.93 2.76
CA GLU A 270 -0.61 -9.00 2.71
C GLU A 270 -0.67 -9.76 4.02
N MET A 271 -0.72 -11.09 3.95
CA MET A 271 -0.81 -11.86 5.18
C MET A 271 0.14 -13.04 5.20
N TYR A 272 0.57 -13.40 6.40
CA TYR A 272 1.56 -14.45 6.61
C TYR A 272 0.92 -15.77 7.01
N PHE A 273 1.26 -16.82 6.29
CA PHE A 273 0.86 -18.18 6.65
C PHE A 273 2.08 -18.98 7.05
N PRO A 274 2.25 -19.22 8.36
CA PRO A 274 3.36 -20.04 8.87
C PRO A 274 3.30 -21.46 8.36
N PRO A 275 4.43 -22.01 7.88
CA PRO A 275 4.51 -23.43 7.51
C PRO A 275 4.48 -24.36 8.72
N SER B 6 22.06 6.30 -22.61
CA SER B 6 21.83 5.47 -21.43
C SER B 6 22.39 6.14 -20.18
N SER B 7 21.72 5.93 -19.05
CA SER B 7 22.12 6.57 -17.81
C SER B 7 22.18 5.59 -16.65
N LEU B 8 22.27 4.30 -16.97
CA LEU B 8 22.23 3.26 -15.95
C LEU B 8 23.41 3.37 -15.00
N GLY B 9 24.59 3.63 -15.57
CA GLY B 9 25.79 3.78 -14.77
C GLY B 9 25.65 4.89 -13.75
N ASP B 10 25.03 5.99 -14.16
CA ASP B 10 24.81 7.11 -13.25
C ASP B 10 23.73 6.77 -12.21
N VAL B 11 22.75 5.97 -12.60
CA VAL B 11 21.72 5.53 -11.67
C VAL B 11 22.30 4.60 -10.62
N LEU B 12 23.00 3.58 -11.08
CA LEU B 12 23.62 2.61 -10.18
C LEU B 12 24.54 3.29 -9.17
N ALA B 13 25.25 4.31 -9.61
CA ALA B 13 26.12 5.07 -8.74
C ALA B 13 25.34 5.75 -7.61
N THR B 14 24.27 6.46 -7.98
CA THR B 14 23.45 7.16 -6.99
C THR B 14 22.75 6.18 -6.05
N LEU B 15 22.50 4.97 -6.52
CA LEU B 15 21.86 3.96 -5.70
C LEU B 15 22.82 3.37 -4.68
N GLU B 16 24.13 3.55 -4.88
CA GLU B 16 25.10 3.16 -3.88
C GLU B 16 25.21 4.25 -2.82
N LEU B 17 24.42 4.12 -1.78
CA LEU B 17 24.32 5.13 -0.75
C LEU B 17 25.58 5.20 0.07
N GLU B 18 25.89 6.38 0.59
CA GLU B 18 26.98 6.52 1.54
C GLU B 18 26.45 6.36 2.96
N ARG B 19 26.98 5.39 3.67
CA ARG B 19 26.60 5.22 5.07
C ARG B 19 27.33 6.24 5.94
N VAL B 20 26.59 6.98 6.74
CA VAL B 20 27.17 7.94 7.66
C VAL B 20 26.83 7.60 9.11
N GLY B 21 26.22 6.44 9.32
CA GLY B 21 25.89 5.99 10.66
C GLY B 21 25.34 4.59 10.70
N GLN B 22 25.01 4.12 11.89
CA GLN B 22 24.41 2.80 12.02
C GLN B 22 23.04 2.78 11.34
N TRP B 23 22.35 3.92 11.35
CA TRP B 23 21.01 3.99 10.78
C TRP B 23 20.86 5.18 9.83
N ARG B 24 21.96 5.60 9.22
CA ARG B 24 21.92 6.84 8.46
C ARG B 24 22.75 6.76 7.20
N PHE B 25 22.18 7.26 6.12
CA PHE B 25 22.77 7.19 4.79
C PHE B 25 22.55 8.51 4.07
N VAL B 26 23.40 8.78 3.08
CA VAL B 26 23.18 9.93 2.22
C VAL B 26 23.11 9.43 0.78
N GLY B 27 22.12 9.93 0.05
CA GLY B 27 21.90 9.50 -1.32
C GLY B 27 22.07 10.65 -2.29
N GLN B 28 22.91 10.44 -3.29
CA GLN B 28 23.17 11.49 -4.24
C GLN B 28 22.05 11.56 -5.26
N GLN B 29 21.69 12.78 -5.65
CA GLN B 29 20.60 12.95 -6.58
C GLN B 29 21.17 13.28 -7.94
N LEU B 30 20.40 13.01 -8.98
CA LEU B 30 20.86 13.29 -10.32
C LEU B 30 20.05 14.41 -10.95
N PRO B 31 20.72 15.24 -11.76
CA PRO B 31 20.16 16.41 -12.45
C PRO B 31 18.88 16.10 -13.23
N ALA B 32 17.93 17.00 -13.04
CA ALA B 32 16.68 16.90 -13.68
C ALA B 32 16.28 18.28 -14.06
N PRO B 33 15.54 18.37 -15.25
CA PRO B 33 14.97 19.70 -15.45
C PRO B 33 13.90 19.81 -14.41
N ALA B 34 13.98 20.79 -13.52
CA ALA B 34 12.99 20.96 -12.48
C ALA B 34 13.51 21.80 -11.35
N ASN B 35 14.54 21.34 -10.64
CA ASN B 35 15.05 20.01 -10.75
C ASN B 35 14.25 19.25 -9.73
N HIS B 36 13.56 18.22 -10.16
CA HIS B 36 12.57 17.67 -9.32
C HIS B 36 13.13 16.36 -9.14
N ILE B 37 13.10 15.86 -7.92
CA ILE B 37 13.51 14.48 -7.71
C ILE B 37 12.33 13.58 -7.99
N LEU B 38 12.57 12.50 -8.72
CA LEU B 38 11.50 11.56 -9.02
C LEU B 38 11.24 10.62 -7.86
N GLY B 39 9.97 10.41 -7.55
CA GLY B 39 9.58 9.51 -6.49
C GLY B 39 10.25 8.16 -6.55
N GLY B 40 10.18 7.52 -7.71
CA GLY B 40 10.76 6.20 -7.91
C GLY B 40 12.23 6.15 -7.52
N HIS B 41 12.94 7.24 -7.77
CA HIS B 41 14.35 7.33 -7.44
C HIS B 41 14.59 7.41 -5.94
N ILE B 42 13.87 8.31 -5.27
CA ILE B 42 14.08 8.52 -3.85
C ILE B 42 13.55 7.34 -3.05
N SER B 43 12.49 6.69 -3.54
CA SER B 43 11.93 5.53 -2.85
C SER B 43 12.83 4.31 -3.03
N ALA B 44 13.51 4.24 -4.17
CA ALA B 44 14.45 3.16 -4.42
C ALA B 44 15.66 3.27 -3.50
N GLN B 45 16.13 4.50 -3.31
CA GLN B 45 17.24 4.76 -2.40
C GLN B 45 16.84 4.43 -0.96
N ALA B 46 15.64 4.85 -0.57
CA ALA B 46 15.14 4.62 0.77
C ALA B 46 14.98 3.12 1.04
N LEU B 47 14.63 2.36 0.01
CA LEU B 47 14.47 0.93 0.12
C LEU B 47 15.82 0.26 0.33
N LEU B 48 16.84 0.77 -0.34
CA LEU B 48 18.19 0.26 -0.16
C LEU B 48 18.70 0.60 1.23
N ALA B 49 18.33 1.78 1.71
CA ALA B 49 18.70 2.18 3.05
C ALA B 49 18.19 1.17 4.06
N ALA B 50 16.90 0.89 4.01
CA ALA B 50 16.28 -0.08 4.89
C ALA B 50 16.93 -1.45 4.74
N SER B 51 17.10 -1.89 3.49
CA SER B 51 17.64 -3.20 3.19
C SER B 51 19.03 -3.44 3.77
N ARG B 52 19.87 -2.41 3.73
CA ARG B 52 21.23 -2.49 4.27
C ARG B 52 21.28 -2.57 5.80
N THR B 53 20.18 -2.21 6.46
CA THR B 53 20.07 -2.36 7.92
C THR B 53 19.36 -3.66 8.28
N ALA B 54 18.98 -4.43 7.26
CA ALA B 54 18.41 -5.75 7.49
C ALA B 54 19.37 -6.81 6.95
N ALA B 55 19.95 -7.59 7.86
CA ALA B 55 21.10 -8.41 7.52
C ALA B 55 20.72 -9.65 6.70
N GLY B 56 21.07 -9.61 5.42
CA GLY B 56 20.82 -10.72 4.51
C GLY B 56 19.36 -11.09 4.35
N ARG B 57 18.49 -10.08 4.40
CA ARG B 57 17.06 -10.29 4.24
C ARG B 57 16.56 -9.47 3.08
N GLU B 58 15.59 -10.01 2.34
CA GLU B 58 15.06 -9.33 1.17
C GLU B 58 13.70 -8.69 1.45
N PRO B 59 13.42 -7.55 0.80
CA PRO B 59 12.13 -6.87 1.00
C PRO B 59 11.00 -7.60 0.28
N HIS B 60 9.91 -7.83 0.99
CA HIS B 60 8.76 -8.45 0.35
C HIS B 60 7.64 -7.42 0.15
N SER B 61 7.75 -6.26 0.82
CA SER B 61 6.83 -5.16 0.57
C SER B 61 7.39 -3.83 1.06
N VAL B 62 6.86 -2.74 0.53
CA VAL B 62 7.30 -1.41 0.89
C VAL B 62 6.21 -0.37 0.57
N HIS B 63 5.99 0.54 1.49
CA HIS B 63 4.98 1.59 1.32
C HIS B 63 5.65 2.94 1.47
N THR B 64 5.52 3.78 0.46
CA THR B 64 6.23 5.06 0.44
C THR B 64 5.27 6.23 0.23
N TYR B 65 5.36 7.24 1.10
CA TYR B 65 4.62 8.48 0.91
C TYR B 65 5.57 9.56 0.39
N PHE B 66 5.18 10.24 -0.67
CA PHE B 66 5.96 11.36 -1.15
C PHE B 66 5.28 12.62 -0.65
N LEU B 67 5.98 13.34 0.22
CA LEU B 67 5.35 14.38 1.01
C LEU B 67 5.68 15.76 0.49
N ARG B 68 6.95 15.97 0.17
CA ARG B 68 7.42 17.26 -0.28
C ARG B 68 8.38 17.11 -1.45
N PRO B 69 8.31 18.04 -2.42
CA PRO B 69 9.21 18.00 -3.58
C PRO B 69 10.66 18.30 -3.18
N GLY B 70 11.58 17.48 -3.66
CA GLY B 70 12.97 17.65 -3.30
C GLY B 70 13.78 18.36 -4.37
N ASP B 71 14.85 19.02 -3.93
CA ASP B 71 15.78 19.70 -4.83
C ASP B 71 16.87 18.72 -5.25
N SER B 72 16.88 18.32 -6.52
CA SER B 72 17.83 17.31 -6.97
C SER B 72 19.27 17.82 -7.07
N ARG B 73 19.50 19.09 -6.76
CA ARG B 73 20.86 19.63 -6.78
C ARG B 73 21.54 19.42 -5.43
N GLN B 74 20.76 19.09 -4.41
CA GLN B 74 21.31 18.76 -3.10
C GLN B 74 21.05 17.29 -2.81
N PRO B 75 21.98 16.64 -2.09
CA PRO B 75 21.81 15.23 -1.74
C PRO B 75 20.72 15.03 -0.69
N VAL B 76 20.37 13.78 -0.39
CA VAL B 76 19.28 13.48 0.54
C VAL B 76 19.73 12.62 1.72
N ASP B 77 19.33 13.00 2.92
CA ASP B 77 19.66 12.23 4.13
C ASP B 77 18.58 11.22 4.45
N PHE B 78 18.95 9.95 4.52
CA PHE B 78 18.01 8.89 4.89
C PHE B 78 18.25 8.39 6.30
N GLU B 79 17.26 8.57 7.17
CA GLU B 79 17.30 7.96 8.50
C GLU B 79 16.47 6.69 8.53
N VAL B 80 17.06 5.61 9.03
CA VAL B 80 16.38 4.33 9.17
C VAL B 80 16.04 4.06 10.63
N VAL B 81 14.86 3.50 10.87
CA VAL B 81 14.41 3.15 12.22
C VAL B 81 13.97 1.68 12.28
N ASP B 82 14.42 0.96 13.29
CA ASP B 82 14.08 -0.44 13.49
C ASP B 82 12.69 -0.59 14.11
N LEU B 83 11.71 -0.93 13.29
CA LEU B 83 10.33 -1.16 13.73
C LEU B 83 10.16 -2.55 14.30
N GLN B 84 10.82 -3.52 13.69
CA GLN B 84 10.80 -4.87 14.20
C GLN B 84 11.99 -5.69 13.75
N GLU B 85 12.53 -6.48 14.67
CA GLU B 85 13.63 -7.36 14.34
C GLU B 85 13.34 -8.71 14.96
N GLY B 86 12.75 -9.60 14.16
CA GLY B 86 12.32 -10.89 14.65
C GLY B 86 13.08 -12.04 14.04
N ARG B 87 12.76 -13.24 14.52
CA ARG B 87 13.32 -14.48 14.00
C ARG B 87 13.05 -14.64 12.52
N THR B 88 11.87 -14.22 12.08
CA THR B 88 11.48 -14.38 10.69
C THR B 88 11.45 -13.05 9.95
N PHE B 89 10.79 -12.06 10.54
CA PHE B 89 10.54 -10.80 9.88
C PHE B 89 11.37 -9.63 10.40
N SER B 90 11.60 -8.67 9.51
CA SER B 90 12.15 -7.38 9.88
C SER B 90 11.26 -6.27 9.33
N ALA B 91 11.21 -5.15 10.04
CA ALA B 91 10.45 -4.00 9.58
C ALA B 91 11.28 -2.73 9.77
N ARG B 92 11.22 -1.83 8.80
CA ARG B 92 11.97 -0.59 8.86
C ARG B 92 11.12 0.63 8.54
N ARG B 93 11.44 1.76 9.15
CA ARG B 93 10.94 3.06 8.75
C ARG B 93 12.10 3.80 8.11
N VAL B 94 11.84 4.49 7.00
CA VAL B 94 12.88 5.33 6.40
C VAL B 94 12.31 6.71 6.17
N THR B 95 13.00 7.72 6.68
CA THR B 95 12.58 9.11 6.47
C THR B 95 13.65 9.82 5.66
N ALA B 96 13.26 10.38 4.53
CA ALA B 96 14.21 11.10 3.68
C ALA B 96 14.09 12.61 3.89
N ARG B 97 15.22 13.25 4.14
CA ARG B 97 15.23 14.68 4.42
C ARG B 97 16.23 15.47 3.58
N GLN B 98 15.85 16.71 3.31
CA GLN B 98 16.78 17.73 2.85
C GLN B 98 16.67 18.85 3.86
N ASP B 99 17.75 19.05 4.61
CA ASP B 99 17.77 19.94 5.77
C ASP B 99 16.67 19.54 6.76
N ASP B 100 15.79 20.48 7.13
CA ASP B 100 14.77 20.20 8.12
C ASP B 100 13.50 19.64 7.47
N LYS B 101 13.50 19.67 6.15
CA LYS B 101 12.37 19.22 5.33
C LYS B 101 12.27 17.71 5.15
N ILE B 102 11.12 17.14 5.47
CA ILE B 102 10.82 15.74 5.22
C ILE B 102 10.25 15.57 3.81
N LEU B 103 10.95 14.84 2.96
CA LEU B 103 10.54 14.70 1.56
C LEU B 103 9.64 13.49 1.38
N MET B 104 10.04 12.38 1.99
CA MET B 104 9.24 11.17 1.95
C MET B 104 9.43 10.35 3.22
N GLU B 105 8.43 9.54 3.52
CA GLU B 105 8.56 8.53 4.56
C GLU B 105 8.12 7.19 4.01
N ALA B 106 8.79 6.12 4.42
CA ALA B 106 8.48 4.78 3.91
C ALA B 106 8.51 3.72 4.98
N MET B 107 7.68 2.71 4.82
CA MET B 107 7.80 1.51 5.64
C MET B 107 8.09 0.32 4.74
N SER B 108 8.86 -0.62 5.24
CA SER B 108 9.24 -1.78 4.46
C SER B 108 9.35 -2.99 5.35
N SER B 109 9.14 -4.16 4.78
CA SER B 109 9.15 -5.39 5.54
C SER B 109 10.04 -6.41 4.83
N PHE B 110 10.67 -7.27 5.61
CA PHE B 110 11.70 -8.19 5.14
C PHE B 110 11.52 -9.56 5.77
N LYS B 111 11.96 -10.61 5.09
CA LYS B 111 12.05 -11.91 5.73
C LYS B 111 13.16 -12.75 5.11
N VAL B 112 13.50 -13.85 5.78
CA VAL B 112 14.48 -14.79 5.25
C VAL B 112 13.76 -15.73 4.30
N VAL B 113 14.41 -16.08 3.20
CA VAL B 113 13.76 -16.81 2.11
C VAL B 113 13.95 -18.33 2.22
N ASN B 114 12.97 -19.07 1.72
CA ASN B 114 13.04 -20.54 1.60
C ASN B 114 14.34 -20.99 0.94
N GLN B 119 4.78 -22.94 1.25
CA GLN B 119 4.84 -23.42 -0.12
C GLN B 119 3.47 -23.70 -0.76
N VAL B 120 2.66 -22.66 -0.81
CA VAL B 120 1.46 -22.65 -1.63
C VAL B 120 1.58 -21.46 -2.54
N VAL B 121 1.73 -21.71 -3.84
CA VAL B 121 2.07 -20.66 -4.78
C VAL B 121 1.07 -20.56 -5.93
N TYR B 122 0.62 -19.33 -6.18
CA TYR B 122 -0.22 -19.02 -7.32
C TYR B 122 -0.05 -17.55 -7.67
N GLN B 123 -0.43 -17.19 -8.90
CA GLN B 123 -0.25 -15.84 -9.38
C GLN B 123 -1.27 -15.54 -10.46
N PRO B 124 -1.49 -14.25 -10.77
CA PRO B 124 -2.25 -14.01 -12.00
C PRO B 124 -1.44 -14.49 -13.19
N ILE B 125 -2.13 -15.00 -14.21
CA ILE B 125 -1.44 -15.47 -15.40
C ILE B 125 -1.02 -14.27 -16.23
N MET B 126 0.22 -14.30 -16.70
CA MET B 126 0.73 -13.21 -17.51
C MET B 126 -0.01 -13.15 -18.83
N PRO B 127 -0.50 -11.96 -19.19
CA PRO B 127 -1.25 -11.78 -20.44
C PRO B 127 -0.40 -12.09 -21.67
N GLU B 128 -0.97 -12.78 -22.66
CA GLU B 128 -0.27 -12.98 -23.91
C GLU B 128 -0.04 -11.67 -24.63
N ALA B 129 1.17 -11.49 -25.15
CA ALA B 129 1.52 -10.26 -25.85
C ALA B 129 2.57 -10.54 -26.92
N PRO B 130 2.64 -9.69 -27.95
CA PRO B 130 3.75 -9.88 -28.88
C PRO B 130 5.08 -9.64 -28.18
N SER B 131 6.03 -10.50 -28.51
CA SER B 131 7.38 -10.45 -27.96
C SER B 131 8.00 -9.09 -28.29
N PRO B 132 8.94 -8.62 -27.43
CA PRO B 132 9.56 -7.29 -27.59
C PRO B 132 10.28 -7.06 -28.92
N GLU B 133 10.73 -8.10 -29.62
CA GLU B 133 11.35 -7.90 -30.92
C GLU B 133 10.37 -7.18 -31.84
N SER B 134 9.10 -7.57 -31.78
CA SER B 134 8.08 -7.03 -32.64
C SER B 134 7.79 -5.59 -32.26
N TRP B 153 16.12 13.53 -18.74
CA TRP B 153 15.89 13.00 -17.40
C TRP B 153 16.67 11.70 -17.16
N ALA B 154 17.70 11.81 -16.32
CA ALA B 154 18.58 10.68 -16.03
C ALA B 154 17.81 9.49 -15.44
N SER B 155 16.82 9.79 -14.61
CA SER B 155 16.02 8.76 -13.96
C SER B 155 15.15 7.98 -14.95
N LEU B 156 14.89 8.57 -16.11
CA LEU B 156 14.09 7.92 -17.14
C LEU B 156 14.89 7.11 -18.17
N ARG B 157 16.15 7.48 -18.39
CA ARG B 157 16.92 6.92 -19.50
C ARG B 157 17.68 5.60 -19.24
N TRP B 158 17.60 5.05 -18.04
CA TRP B 158 18.38 3.84 -17.73
C TRP B 158 17.71 2.55 -18.18
N PHE B 159 16.52 2.63 -18.76
CA PHE B 159 15.84 1.41 -19.21
C PHE B 159 15.25 1.53 -20.60
N GLU B 160 15.27 0.42 -21.34
CA GLU B 160 14.59 0.35 -22.64
C GLU B 160 13.13 -0.01 -22.41
N ARG B 161 12.28 0.28 -23.40
CA ARG B 161 10.86 0.05 -23.24
C ARG B 161 10.12 -0.14 -24.56
N ARG B 162 9.18 -1.06 -24.56
CA ARG B 162 8.29 -1.25 -25.70
C ARG B 162 6.86 -1.14 -25.21
N THR B 163 6.16 -0.08 -25.59
CA THR B 163 4.78 0.06 -25.16
C THR B 163 3.95 -0.80 -26.11
N ILE B 164 3.35 -1.86 -25.56
CA ILE B 164 2.71 -2.90 -26.35
C ILE B 164 1.40 -2.51 -26.98
N GLU B 165 0.49 -1.98 -26.16
CA GLU B 165 -0.85 -1.65 -26.62
C GLU B 165 -1.44 -0.54 -25.75
N THR B 166 -2.35 0.22 -26.31
CA THR B 166 -2.86 1.41 -25.63
C THR B 166 -4.36 1.62 -25.69
N GLU B 167 -4.91 1.96 -24.53
CA GLU B 167 -6.26 2.46 -24.44
C GLU B 167 -6.23 3.62 -23.43
N THR B 168 -7.04 4.65 -23.68
CA THR B 168 -7.06 5.81 -22.79
C THR B 168 -8.32 5.90 -21.93
N VAL B 169 -9.35 5.16 -22.31
CA VAL B 169 -10.58 5.16 -21.54
C VAL B 169 -10.34 4.23 -20.37
N PRO B 170 -10.67 4.68 -19.15
CA PRO B 170 -10.39 3.91 -17.92
C PRO B 170 -10.93 2.48 -18.01
N PRO B 171 -10.20 1.50 -17.44
CA PRO B 171 -8.97 1.56 -16.63
C PRO B 171 -7.68 1.94 -17.38
N ALA B 172 -7.77 2.14 -18.69
CA ALA B 172 -6.65 2.61 -19.50
C ALA B 172 -5.42 1.70 -19.44
N ARG B 173 -5.60 0.41 -19.66
CA ARG B 173 -4.47 -0.52 -19.68
C ARG B 173 -3.41 -0.14 -20.71
N VAL B 174 -2.18 0.11 -20.26
CA VAL B 174 -1.07 0.38 -21.17
C VAL B 174 0.14 -0.47 -20.75
N PRO B 175 0.08 -1.79 -21.03
CA PRO B 175 1.16 -2.69 -20.65
C PRO B 175 2.40 -2.47 -21.50
N MET B 176 3.58 -2.75 -20.94
CA MET B 176 4.83 -2.48 -21.64
C MET B 176 5.88 -3.56 -21.40
N TRP B 177 6.81 -3.68 -22.33
CA TRP B 177 8.01 -4.46 -22.11
C TRP B 177 9.10 -3.51 -21.66
N TRP B 178 9.90 -3.91 -20.69
CA TRP B 178 11.03 -3.08 -20.29
C TRP B 178 12.19 -3.94 -19.84
N ARG B 179 13.39 -3.41 -20.03
CA ARG B 179 14.59 -4.00 -19.47
C ARG B 179 15.58 -2.88 -19.20
N PRO B 180 16.52 -3.10 -18.27
CA PRO B 180 17.53 -2.06 -18.05
C PRO B 180 18.47 -1.97 -19.24
N ASP B 181 18.90 -0.76 -19.58
CA ASP B 181 19.79 -0.55 -20.70
C ASP B 181 21.24 -0.66 -20.24
N GLY B 182 21.71 -1.90 -20.08
CA GLY B 182 23.01 -2.16 -19.47
C GLY B 182 22.93 -3.39 -18.58
N ARG B 183 24.08 -3.81 -18.07
CA ARG B 183 24.14 -5.02 -17.26
C ARG B 183 23.98 -4.71 -15.77
N VAL B 184 23.25 -5.55 -15.06
CA VAL B 184 23.01 -5.36 -13.63
C VAL B 184 23.80 -6.39 -12.79
N PRO B 185 24.43 -5.94 -11.70
CA PRO B 185 25.27 -6.73 -10.81
C PRO B 185 24.68 -8.04 -10.25
N ASP B 186 23.40 -8.30 -10.45
CA ASP B 186 22.75 -9.54 -10.00
C ASP B 186 22.75 -9.57 -8.47
N ASP B 187 22.58 -8.38 -7.89
CA ASP B 187 22.30 -8.25 -6.47
C ASP B 187 20.79 -8.27 -6.28
N PRO B 188 20.28 -9.33 -5.64
CA PRO B 188 18.85 -9.51 -5.34
C PRO B 188 18.19 -8.27 -4.76
N VAL B 189 18.86 -7.64 -3.80
CA VAL B 189 18.37 -6.43 -3.16
C VAL B 189 18.43 -5.21 -4.11
N LEU B 190 19.53 -5.08 -4.83
CA LEU B 190 19.65 -3.99 -5.81
C LEU B 190 18.60 -4.14 -6.90
N THR B 191 18.35 -5.38 -7.31
CA THR B 191 17.34 -5.69 -8.32
C THR B 191 15.94 -5.29 -7.85
N ALA B 192 15.63 -5.58 -6.60
CA ALA B 192 14.32 -5.26 -6.05
C ALA B 192 14.09 -3.75 -6.04
N SER B 193 15.10 -2.98 -5.67
CA SER B 193 14.95 -1.53 -5.64
C SER B 193 14.82 -0.97 -7.04
N LEU B 194 15.44 -1.63 -8.02
CA LEU B 194 15.36 -1.18 -9.40
C LEU B 194 13.98 -1.50 -9.96
N VAL B 195 13.44 -2.62 -9.56
CA VAL B 195 12.06 -2.96 -9.88
C VAL B 195 11.13 -1.88 -9.32
N ALA B 196 11.27 -1.60 -8.03
CA ALA B 196 10.48 -0.54 -7.39
C ALA B 196 10.70 0.80 -8.08
N TYR B 197 11.96 1.11 -8.37
CA TYR B 197 12.35 2.33 -9.07
C TYR B 197 11.54 2.53 -10.36
N MET B 198 11.57 1.52 -11.23
CA MET B 198 10.90 1.59 -12.52
C MET B 198 9.37 1.48 -12.38
N SER B 199 8.92 0.67 -11.43
CA SER B 199 7.48 0.49 -11.19
C SER B 199 6.79 1.80 -10.86
N ALA B 200 7.52 2.72 -10.26
CA ALA B 200 6.98 4.00 -9.86
C ALA B 200 6.97 5.03 -11.00
N VAL B 201 8.10 5.17 -11.69
CA VAL B 201 8.24 6.25 -12.67
C VAL B 201 7.44 6.06 -13.96
N THR B 202 7.02 4.83 -14.26
CA THR B 202 6.28 4.56 -15.48
C THR B 202 4.78 4.58 -15.27
N LEU B 203 4.36 4.77 -14.05
CA LEU B 203 2.99 4.57 -13.68
C LEU B 203 2.11 5.80 -13.72
N THR B 204 2.68 6.92 -14.04
CA THR B 204 1.91 8.07 -14.34
C THR B 204 1.06 7.99 -15.57
N GLU B 205 1.56 7.40 -16.65
CA GLU B 205 0.92 7.56 -17.94
C GLU B 205 -0.46 7.04 -18.00
N PRO B 206 -0.73 5.81 -17.37
CA PRO B 206 -2.14 5.41 -17.48
C PRO B 206 -3.09 6.45 -16.88
N ALA B 207 -2.75 7.04 -15.77
CA ALA B 207 -3.53 8.08 -15.17
C ALA B 207 -3.60 9.35 -15.96
N PHE B 208 -2.50 9.74 -16.52
CA PHE B 208 -2.47 10.87 -17.40
C PHE B 208 -3.32 10.61 -18.62
N ALA B 209 -3.27 9.42 -19.11
CA ALA B 209 -4.12 9.06 -20.25
C ALA B 209 -5.61 9.16 -19.91
N ALA B 210 -6.01 8.55 -18.79
CA ALA B 210 -7.42 8.53 -18.39
C ALA B 210 -8.05 9.91 -18.26
N ARG B 211 -7.24 10.90 -17.89
CA ARG B 211 -7.74 12.26 -17.70
C ARG B 211 -7.94 13.05 -18.98
N GLY B 212 -7.28 12.61 -20.05
CA GLY B 212 -7.28 13.36 -21.29
C GLY B 212 -5.97 14.11 -21.38
N GLY B 213 -5.15 13.97 -20.35
CA GLY B 213 -3.80 14.48 -20.37
C GLY B 213 -3.61 15.96 -20.07
N VAL B 214 -2.53 16.52 -20.64
CA VAL B 214 -2.09 17.90 -20.46
C VAL B 214 -2.36 18.44 -19.05
N GLY B 215 -1.79 17.77 -18.06
CA GLY B 215 -2.04 18.08 -16.67
C GLY B 215 -0.85 17.73 -15.80
N ALA B 216 -0.37 18.70 -15.03
CA ALA B 216 0.72 18.46 -14.10
C ALA B 216 0.26 17.63 -12.91
N SER B 217 1.13 16.73 -12.46
CA SER B 217 0.79 15.78 -11.42
C SER B 217 1.92 15.63 -10.41
N ALA B 218 1.58 15.14 -9.23
CA ALA B 218 2.58 14.77 -8.23
C ALA B 218 2.22 13.43 -7.63
N GLN B 219 3.20 12.55 -7.49
CA GLN B 219 2.95 11.26 -6.88
C GLN B 219 2.80 11.46 -5.38
N ARG B 220 1.83 10.79 -4.78
CA ARG B 220 1.57 10.96 -3.36
C ARG B 220 2.05 9.76 -2.57
N ASP B 221 1.74 8.56 -3.06
CA ASP B 221 2.30 7.37 -2.46
C ASP B 221 2.51 6.23 -3.45
N HIS B 222 3.39 5.30 -3.08
CA HIS B 222 3.74 4.16 -3.90
C HIS B 222 3.84 2.92 -3.03
N SER B 223 3.27 1.82 -3.50
CA SER B 223 3.24 0.58 -2.73
C SER B 223 3.65 -0.59 -3.63
N VAL B 224 4.57 -1.41 -3.14
CA VAL B 224 5.01 -2.58 -3.90
C VAL B 224 4.99 -3.85 -3.04
N TRP B 225 4.41 -4.91 -3.57
CA TRP B 225 4.49 -6.21 -2.92
C TRP B 225 5.27 -7.16 -3.81
N PHE B 226 6.37 -7.69 -3.30
CA PHE B 226 7.24 -8.54 -4.07
C PHE B 226 6.82 -9.97 -4.03
N HIS B 227 6.97 -10.63 -5.15
CA HIS B 227 6.51 -11.99 -5.28
C HIS B 227 7.68 -12.92 -5.54
N GLY B 228 8.30 -12.75 -6.67
CA GLY B 228 9.34 -13.60 -7.11
C GLY B 228 10.49 -12.72 -7.43
N ARG B 229 11.64 -13.30 -7.62
CA ARG B 229 12.84 -12.51 -7.88
C ARG B 229 12.95 -12.13 -9.36
N ALA B 230 13.22 -10.85 -9.60
CA ALA B 230 13.25 -10.31 -10.95
C ALA B 230 14.47 -10.74 -11.74
N VAL B 231 14.26 -11.05 -13.01
CA VAL B 231 15.36 -11.37 -13.92
C VAL B 231 15.60 -10.21 -14.86
N LEU B 232 16.59 -9.39 -14.55
CA LEU B 232 16.85 -8.17 -15.32
C LEU B 232 17.79 -8.42 -16.50
N SER B 233 18.05 -9.68 -16.81
CA SER B 233 18.94 -10.02 -17.93
C SER B 233 18.10 -10.25 -19.18
N ASP B 234 16.81 -9.97 -19.07
CA ASP B 234 15.88 -10.14 -20.18
C ASP B 234 14.73 -9.15 -19.97
N TRP B 235 13.79 -9.11 -20.92
CA TRP B 235 12.68 -8.16 -20.84
C TRP B 235 11.71 -8.50 -19.73
N LEU B 236 11.01 -7.47 -19.23
CA LEU B 236 10.00 -7.65 -18.20
C LEU B 236 8.67 -7.06 -18.64
N PHE B 237 7.58 -7.76 -18.33
CA PHE B 237 6.24 -7.30 -18.65
C PHE B 237 5.67 -6.48 -17.50
N TYR B 238 5.34 -5.22 -17.76
CA TYR B 238 4.74 -4.38 -16.72
C TYR B 238 3.34 -3.95 -17.12
N ASP B 239 2.35 -4.68 -16.62
CA ASP B 239 0.95 -4.35 -16.85
C ASP B 239 0.58 -3.14 -16.03
N ARG B 240 0.00 -2.12 -16.67
CA ARG B 240 -0.32 -0.86 -16.02
C ARG B 240 -1.76 -0.44 -16.30
N SER B 241 -2.42 0.13 -15.31
CA SER B 241 -3.78 0.63 -15.49
C SER B 241 -4.10 1.73 -14.48
N SER B 242 -5.19 2.45 -14.71
CA SER B 242 -5.69 3.45 -13.76
C SER B 242 -7.15 3.18 -13.46
N PRO B 243 -7.42 2.36 -12.44
CA PRO B 243 -8.81 1.96 -12.13
C PRO B 243 -9.70 3.11 -11.71
N SER B 244 -9.17 4.06 -10.95
CA SER B 244 -10.05 5.06 -10.36
C SER B 244 -9.38 6.40 -10.10
N SER B 245 -10.19 7.45 -10.09
CA SER B 245 -9.72 8.77 -9.71
C SER B 245 -10.85 9.50 -8.99
N ALA B 246 -10.58 9.89 -7.74
CA ALA B 246 -11.58 10.58 -6.92
C ALA B 246 -11.28 12.06 -6.91
N GLY B 247 -11.44 12.70 -8.06
CA GLY B 247 -11.16 14.11 -8.18
C GLY B 247 -9.70 14.38 -8.51
N SER B 248 -9.00 14.97 -7.56
CA SER B 248 -7.60 15.34 -7.73
C SER B 248 -6.67 14.15 -7.54
N LEU B 249 -7.18 13.09 -6.93
CA LEU B 249 -6.39 11.90 -6.63
C LEU B 249 -6.73 10.72 -7.54
N ALA B 250 -5.73 10.25 -8.30
CA ALA B 250 -5.93 9.09 -9.16
C ALA B 250 -5.15 7.88 -8.66
N LEU B 251 -5.74 6.70 -8.79
CA LEU B 251 -5.05 5.44 -8.50
C LEU B 251 -4.46 4.81 -9.76
N ALA B 252 -3.28 4.22 -9.62
CA ALA B 252 -2.66 3.45 -10.68
C ALA B 252 -2.29 2.08 -10.15
N SER B 253 -2.36 1.06 -11.01
CA SER B 253 -2.17 -0.31 -10.59
C SER B 253 -1.20 -1.02 -11.53
N GLY B 254 -0.37 -1.90 -10.98
CA GLY B 254 0.64 -2.55 -11.78
C GLY B 254 1.00 -3.97 -11.36
N THR B 255 1.28 -4.80 -12.35
CA THR B 255 1.76 -6.15 -12.11
C THR B 255 2.93 -6.39 -13.04
N MET B 256 4.06 -6.81 -12.47
CA MET B 256 5.25 -7.01 -13.25
C MET B 256 5.59 -8.50 -13.35
N PHE B 257 6.00 -8.93 -14.54
CA PHE B 257 6.33 -10.33 -14.78
C PHE B 257 7.73 -10.48 -15.38
N ASN B 258 8.39 -11.60 -15.08
CA ASN B 258 9.54 -12.03 -15.86
C ASN B 258 9.07 -12.52 -17.22
N ARG B 259 9.93 -12.47 -18.22
CA ARG B 259 9.59 -12.97 -19.55
C ARG B 259 9.10 -14.41 -19.49
N THR B 260 9.57 -15.15 -18.49
CA THR B 260 9.12 -16.52 -18.27
C THR B 260 7.65 -16.56 -17.83
N GLY B 261 7.15 -15.42 -17.35
CA GLY B 261 5.77 -15.34 -16.91
C GLY B 261 5.58 -15.46 -15.41
N GLU B 262 6.68 -15.55 -14.66
CA GLU B 262 6.59 -15.52 -13.21
C GLU B 262 6.32 -14.10 -12.73
N LEU B 263 5.39 -13.97 -11.78
CA LEU B 263 5.06 -12.67 -11.20
C LEU B 263 6.23 -12.13 -10.37
N VAL B 264 6.58 -10.87 -10.60
CA VAL B 264 7.68 -10.25 -9.87
C VAL B 264 7.17 -9.38 -8.73
N CYS B 265 6.24 -8.49 -9.04
CA CYS B 265 5.66 -7.63 -8.01
C CYS B 265 4.26 -7.16 -8.36
N THR B 266 3.49 -6.84 -7.32
CA THR B 266 2.20 -6.18 -7.48
C THR B 266 2.36 -4.75 -6.98
N VAL B 267 1.73 -3.79 -7.65
CA VAL B 267 2.02 -2.38 -7.40
C VAL B 267 0.75 -1.53 -7.35
N LYS B 268 0.73 -0.55 -6.45
CA LYS B 268 -0.33 0.45 -6.40
C LYS B 268 0.25 1.84 -6.18
N GLN B 269 -0.31 2.84 -6.86
CA GLN B 269 0.19 4.20 -6.74
C GLN B 269 -0.93 5.23 -6.74
N GLU B 270 -0.83 6.19 -5.82
CA GLU B 270 -1.80 7.28 -5.75
C GLU B 270 -1.10 8.57 -6.10
N MET B 271 -1.70 9.36 -6.98
CA MET B 271 -1.08 10.61 -7.40
C MET B 271 -2.07 11.78 -7.40
N TYR B 272 -1.53 12.98 -7.17
CA TYR B 272 -2.31 14.20 -7.06
C TYR B 272 -2.30 15.03 -8.34
N PHE B 273 -3.49 15.40 -8.81
CA PHE B 273 -3.64 16.33 -9.94
C PHE B 273 -4.26 17.65 -9.51
N PRO B 274 -3.45 18.71 -9.42
CA PRO B 274 -3.96 20.05 -9.06
C PRO B 274 -4.98 20.56 -10.06
N PRO B 275 -6.13 21.06 -9.56
CA PRO B 275 -7.10 21.72 -10.44
C PRO B 275 -6.61 23.08 -10.92
#